data_3HD4
#
_entry.id   3HD4
#
_cell.length_a   34.160
_cell.length_b   46.864
_cell.length_c   71.706
_cell.angle_alpha   90.00
_cell.angle_beta   90.00
_cell.angle_gamma   90.00
#
_symmetry.space_group_name_H-M   'P 21 21 21'
#
loop_
_entity.id
_entity.type
_entity.pdbx_description
1 polymer Nucleoprotein
2 water water
#
_entity_poly.entity_id   1
_entity_poly.type   'polypeptide(L)'
_entity_poly.pdbx_seq_one_letter_code
;MGSVVPHYSWFSGITQFQKGKEFQFAEGQGVPIANGIPASEQKGYWYRHNRRSFKTPDGQQKQLLPRWYFYYLGTGPHAG
ASYGDSIEGVFWVANSQADTNTRSDIVERDPSSHEAIPTRFAPGTVLPQGFYVEGSGRS
;
_entity_poly.pdbx_strand_id   A
#
# COMPACT_ATOMS: atom_id res chain seq x y z
N PRO A 6 13.41 2.03 -5.27
CA PRO A 6 13.14 2.34 -6.67
C PRO A 6 11.72 2.87 -6.87
N HIS A 7 10.74 2.30 -6.19
CA HIS A 7 9.35 2.75 -6.34
C HIS A 7 8.83 3.46 -5.11
N TYR A 8 8.61 4.76 -5.22
CA TYR A 8 8.23 5.57 -4.09
C TYR A 8 6.71 5.66 -3.90
N SER A 9 6.24 5.20 -2.74
CA SER A 9 4.84 5.27 -2.39
C SER A 9 4.55 6.66 -1.85
N TRP A 10 3.33 7.14 -2.07
CA TRP A 10 2.92 8.43 -1.51
C TRP A 10 2.70 8.34 0.02
N PHE A 11 2.63 7.12 0.53
CA PHE A 11 2.13 6.92 1.89
C PHE A 11 3.07 6.04 2.71
N SER A 12 2.98 6.16 4.02
CA SER A 12 3.70 5.25 4.91
C SER A 12 3.23 3.79 4.74
N GLY A 13 4.11 2.84 5.08
CA GLY A 13 3.80 1.43 4.90
C GLY A 13 2.99 0.85 6.05
N ILE A 14 2.47 -0.36 5.82
CA ILE A 14 1.79 -1.14 6.88
C ILE A 14 2.65 -2.36 7.16
N THR A 15 3.05 -2.53 8.41
CA THR A 15 3.95 -3.63 8.78
C THR A 15 3.18 -4.77 9.41
N GLN A 16 3.54 -6.00 9.05
CA GLN A 16 2.96 -7.15 9.70
C GLN A 16 3.74 -7.44 10.96
N PHE A 17 3.04 -7.56 12.08
CA PHE A 17 3.70 -7.96 13.32
C PHE A 17 3.21 -9.32 13.83
N GLN A 18 2.09 -9.80 13.32
CA GLN A 18 1.58 -11.13 13.68
C GLN A 18 1.51 -12.11 12.49
N LYS A 19 2.35 -13.14 12.52
CA LYS A 19 2.34 -14.15 11.47
C LYS A 19 0.99 -14.83 11.30
N GLY A 20 0.63 -15.16 10.06
CA GLY A 20 -0.56 -15.95 9.78
C GLY A 20 -1.85 -15.18 9.57
N LYS A 21 -1.76 -13.85 9.63
CA LYS A 21 -2.93 -13.00 9.39
C LYS A 21 -2.90 -12.54 7.94
N GLU A 22 -4.04 -12.64 7.25
CA GLU A 22 -4.04 -12.29 5.83
C GLU A 22 -4.23 -10.79 5.64
N PHE A 23 -3.41 -10.18 4.79
CA PHE A 23 -3.54 -8.76 4.50
C PHE A 23 -4.75 -8.57 3.61
N GLN A 24 -5.75 -7.84 4.09
CA GLN A 24 -6.92 -7.58 3.28
C GLN A 24 -7.76 -6.47 3.88
N PHE A 25 -8.62 -5.89 3.04
CA PHE A 25 -9.61 -4.93 3.48
C PHE A 25 -10.93 -5.35 2.85
N ALA A 26 -12.03 -4.91 3.43
CA ALA A 26 -13.33 -5.14 2.82
C ALA A 26 -13.43 -4.33 1.52
N GLU A 27 -14.21 -4.84 0.58
CA GLU A 27 -14.39 -4.17 -0.70
C GLU A 27 -14.97 -2.78 -0.46
N GLY A 28 -14.38 -1.77 -1.10
CA GLY A 28 -14.76 -0.40 -0.87
C GLY A 28 -13.86 0.31 0.13
N GLN A 29 -13.09 -0.46 0.89
CA GLN A 29 -12.22 0.11 1.91
C GLN A 29 -10.76 -0.12 1.56
N GLY A 30 -9.88 0.59 2.24
CA GLY A 30 -8.46 0.33 2.12
C GLY A 30 -7.57 1.32 1.36
N VAL A 31 -8.16 2.30 0.70
CA VAL A 31 -7.33 3.31 0.04
C VAL A 31 -7.02 4.42 1.02
N PRO A 32 -5.73 4.74 1.21
CA PRO A 32 -5.39 5.83 2.12
C PRO A 32 -6.15 7.09 1.74
N ILE A 33 -6.61 7.87 2.70
CA ILE A 33 -7.24 9.15 2.38
C ILE A 33 -6.21 10.26 2.46
N ALA A 34 -6.28 11.19 1.53
CA ALA A 34 -5.36 12.31 1.55
C ALA A 34 -6.04 13.57 1.06
N ASN A 35 -5.74 14.69 1.72
CA ASN A 35 -6.24 15.96 1.26
C ASN A 35 -5.87 16.15 -0.20
N GLY A 36 -6.81 16.64 -0.98
CA GLY A 36 -6.52 16.97 -2.36
C GLY A 36 -6.79 15.86 -3.34
N ILE A 37 -7.07 14.66 -2.83
CA ILE A 37 -7.35 13.52 -3.71
C ILE A 37 -8.82 13.15 -3.60
N PRO A 38 -9.57 13.32 -4.69
CA PRO A 38 -11.01 13.00 -4.68
C PRO A 38 -11.25 11.51 -4.62
N ALA A 39 -12.42 11.13 -4.13
CA ALA A 39 -12.79 9.72 -4.09
C ALA A 39 -12.65 9.02 -5.45
N SER A 40 -12.84 9.74 -6.53
CA SER A 40 -12.78 9.11 -7.85
C SER A 40 -11.37 8.61 -8.17
N GLU A 41 -10.36 9.14 -7.49
CA GLU A 41 -9.00 8.67 -7.69
C GLU A 41 -8.55 7.64 -6.62
N GLN A 42 -9.46 7.23 -5.76
CA GLN A 42 -9.10 6.28 -4.72
C GLN A 42 -9.20 4.86 -5.27
N LYS A 43 -8.15 4.45 -5.97
CA LYS A 43 -8.07 3.12 -6.59
C LYS A 43 -6.61 2.76 -6.72
N GLY A 44 -6.26 1.52 -6.40
CA GLY A 44 -4.86 1.13 -6.41
C GLY A 44 -4.66 -0.21 -5.75
N TYR A 45 -3.44 -0.47 -5.29
CA TYR A 45 -3.14 -1.76 -4.69
C TYR A 45 -2.13 -1.57 -3.58
N TRP A 46 -2.15 -2.48 -2.61
CA TRP A 46 -1.08 -2.60 -1.63
C TRP A 46 -0.13 -3.65 -2.14
N TYR A 47 1.16 -3.37 -2.01
CA TYR A 47 2.22 -4.17 -2.59
C TYR A 47 3.14 -4.63 -1.49
N ARG A 48 3.39 -5.93 -1.42
CA ARG A 48 4.16 -6.47 -0.32
C ARG A 48 5.65 -6.44 -0.62
N HIS A 49 6.36 -5.75 0.26
CA HIS A 49 7.80 -5.85 0.30
C HIS A 49 8.10 -7.05 1.19
N ASN A 50 8.46 -8.14 0.55
CA ASN A 50 8.64 -9.42 1.20
C ASN A 50 10.11 -9.77 1.32
N ARG A 51 10.38 -10.89 2.00
CA ARG A 51 11.73 -11.37 2.24
C ARG A 51 12.64 -10.36 2.97
N ARG A 52 12.07 -9.53 3.83
CA ARG A 52 12.85 -8.47 4.38
C ARG A 52 13.89 -8.99 5.39
N SER A 53 15.05 -8.32 5.47
CA SER A 53 16.12 -8.70 6.38
C SER A 53 16.94 -7.50 6.82
N PHE A 54 17.74 -7.70 7.87
CA PHE A 54 18.71 -6.70 8.32
C PHE A 54 19.99 -7.46 8.60
N LYS A 55 21.13 -6.93 8.15
CA LYS A 55 22.41 -7.55 8.43
C LYS A 55 22.97 -6.98 9.72
N THR A 56 22.95 -7.76 10.79
CA THR A 56 23.50 -7.30 12.05
C THR A 56 25.01 -7.13 11.95
N PRO A 57 25.58 -6.25 12.80
CA PRO A 57 27.02 -5.94 12.82
C PRO A 57 27.91 -7.19 12.81
N ASP A 58 27.45 -8.28 13.39
CA ASP A 58 28.25 -9.51 13.42
C ASP A 58 28.09 -10.35 12.16
N GLY A 59 26.86 -10.83 11.97
CA GLY A 59 26.42 -11.49 10.75
C GLY A 59 25.17 -12.32 10.89
N GLN A 60 24.39 -12.09 11.92
CA GLN A 60 23.09 -12.68 11.98
C GLN A 60 22.34 -12.04 10.85
N GLN A 61 21.79 -12.84 9.94
CA GLN A 61 20.81 -12.34 8.98
C GLN A 61 19.49 -12.33 9.72
N LYS A 62 19.04 -11.14 10.09
CA LYS A 62 17.84 -10.98 10.90
C LYS A 62 16.64 -10.88 9.96
N GLN A 63 15.73 -11.84 10.05
CA GLN A 63 14.54 -11.80 9.21
C GLN A 63 13.50 -10.83 9.76
N LEU A 64 12.91 -10.04 8.87
CA LEU A 64 11.84 -9.14 9.25
C LEU A 64 10.54 -9.56 8.58
N LEU A 65 9.41 -9.24 9.21
CA LEU A 65 8.13 -9.56 8.61
C LEU A 65 7.81 -8.53 7.53
N PRO A 66 6.87 -8.88 6.65
CA PRO A 66 6.56 -8.05 5.48
C PRO A 66 6.05 -6.65 5.84
N ARG A 67 6.30 -5.73 4.93
CA ARG A 67 5.69 -4.41 4.99
C ARG A 67 5.04 -4.15 3.63
N TRP A 68 3.84 -3.57 3.67
CA TRP A 68 3.04 -3.34 2.46
C TRP A 68 2.96 -1.84 2.17
N TYR A 69 3.05 -1.47 0.89
CA TYR A 69 2.95 -0.06 0.49
C TYR A 69 1.88 0.15 -0.56
N PHE A 70 1.24 1.32 -0.51
CA PHE A 70 0.12 1.59 -1.42
C PHE A 70 0.59 2.31 -2.68
N TYR A 71 0.09 1.88 -3.84
CA TYR A 71 0.32 2.59 -5.09
C TYR A 71 -1.01 2.82 -5.81
N TYR A 72 -1.21 4.01 -6.36
CA TYR A 72 -2.41 4.27 -7.17
C TYR A 72 -2.41 3.40 -8.42
N LEU A 73 -3.61 3.05 -8.88
CA LEU A 73 -3.77 2.19 -10.06
C LEU A 73 -3.00 2.75 -11.26
N GLY A 74 -2.14 1.91 -11.88
CA GLY A 74 -1.36 2.33 -13.03
C GLY A 74 -0.04 2.98 -12.67
N THR A 75 0.33 2.92 -11.39
CA THR A 75 1.63 3.44 -10.96
C THR A 75 2.32 2.34 -10.17
N GLY A 76 3.61 2.53 -9.90
CA GLY A 76 4.32 1.65 -8.98
C GLY A 76 4.83 0.38 -9.62
N PRO A 77 5.24 -0.58 -8.78
CA PRO A 77 5.94 -1.79 -9.24
C PRO A 77 5.12 -2.56 -10.26
N HIS A 78 3.79 -2.50 -10.12
CA HIS A 78 2.89 -3.21 -11.02
C HIS A 78 2.01 -2.23 -11.77
N ALA A 79 2.63 -1.14 -12.21
CA ALA A 79 1.93 -0.09 -12.90
C ALA A 79 1.23 -0.59 -14.15
N GLY A 80 1.69 -1.72 -14.68
CA GLY A 80 1.11 -2.27 -15.90
C GLY A 80 -0.02 -3.27 -15.69
N ALA A 81 -0.28 -3.62 -14.44
CA ALA A 81 -1.34 -4.58 -14.12
C ALA A 81 -2.70 -3.91 -14.18
N SER A 82 -3.72 -4.70 -14.51
CA SER A 82 -5.11 -4.23 -14.46
C SER A 82 -5.70 -4.53 -13.08
N TYR A 83 -6.63 -3.70 -12.64
CA TYR A 83 -7.26 -3.91 -11.34
C TYR A 83 -7.77 -5.34 -11.24
N GLY A 84 -7.38 -6.06 -10.19
CA GLY A 84 -7.86 -7.40 -9.93
C GLY A 84 -6.95 -8.51 -10.44
N ASP A 85 -5.96 -8.16 -11.24
CA ASP A 85 -4.96 -9.12 -11.70
C ASP A 85 -4.38 -9.87 -10.50
N SER A 86 -4.26 -11.19 -10.61
CA SER A 86 -3.79 -11.98 -9.48
C SER A 86 -2.26 -12.08 -9.42
N ILE A 87 -1.67 -11.43 -8.42
CA ILE A 87 -0.23 -11.42 -8.23
C ILE A 87 0.07 -11.62 -6.75
N GLU A 88 0.94 -12.57 -6.42
CA GLU A 88 1.31 -12.74 -5.03
C GLU A 88 1.86 -11.41 -4.53
N GLY A 89 1.37 -10.97 -3.38
CA GLY A 89 1.92 -9.77 -2.77
C GLY A 89 1.24 -8.50 -3.27
N VAL A 90 0.09 -8.66 -3.93
CA VAL A 90 -0.68 -7.51 -4.41
C VAL A 90 -2.12 -7.64 -3.92
N PHE A 91 -2.61 -6.59 -3.26
CA PHE A 91 -3.98 -6.61 -2.81
C PHE A 91 -4.67 -5.36 -3.31
N TRP A 92 -5.72 -5.55 -4.10
CA TRP A 92 -6.38 -4.44 -4.80
C TRP A 92 -7.43 -3.79 -3.91
N VAL A 93 -7.47 -2.46 -3.92
CA VAL A 93 -8.44 -1.69 -3.15
C VAL A 93 -8.99 -0.50 -3.95
N ALA A 94 -10.25 -0.14 -3.70
CA ALA A 94 -10.85 1.01 -4.37
C ALA A 94 -12.07 1.50 -3.64
N ASN A 95 -12.28 2.81 -3.66
CA ASN A 95 -13.54 3.40 -3.25
C ASN A 95 -14.59 3.08 -4.31
N SER A 96 -15.85 3.02 -3.89
CA SER A 96 -16.94 2.67 -4.81
C SER A 96 -17.14 3.70 -5.90
N GLN A 97 -16.68 4.94 -5.68
CA GLN A 97 -16.82 6.01 -6.66
C GLN A 97 -15.73 6.02 -7.72
N ALA A 98 -14.75 5.12 -7.59
CA ALA A 98 -13.63 5.06 -8.51
C ALA A 98 -13.95 4.13 -9.68
N ASP A 99 -13.43 4.49 -10.85
CA ASP A 99 -13.57 3.63 -12.02
C ASP A 99 -12.28 2.85 -12.12
N THR A 100 -12.31 1.59 -11.70
CA THR A 100 -11.11 0.75 -11.67
C THR A 100 -10.68 0.29 -13.06
N ASN A 101 -11.41 0.72 -14.08
CA ASN A 101 -11.04 0.35 -15.45
C ASN A 101 -10.03 1.31 -16.08
N THR A 102 -9.75 2.42 -15.41
CA THR A 102 -8.88 3.44 -15.96
C THR A 102 -7.76 3.74 -14.98
N ARG A 103 -6.57 4.08 -15.51
CA ARG A 103 -5.42 4.39 -14.67
C ARG A 103 -5.64 5.65 -13.83
N SER A 104 -4.87 5.76 -12.75
CA SER A 104 -4.90 6.92 -11.87
C SER A 104 -4.39 8.14 -12.60
N ASP A 105 -4.93 9.31 -12.25
CA ASP A 105 -4.40 10.56 -12.73
C ASP A 105 -3.33 11.08 -11.77
N ILE A 106 -3.12 10.37 -10.68
CA ILE A 106 -2.12 10.78 -9.70
C ILE A 106 -0.75 10.28 -10.13
N VAL A 107 0.18 11.21 -10.27
CA VAL A 107 1.51 10.90 -10.75
C VAL A 107 2.30 10.20 -9.65
N GLU A 108 3.27 9.38 -10.06
CA GLU A 108 4.15 8.72 -9.11
C GLU A 108 4.91 9.77 -8.28
N ARG A 109 5.11 9.47 -7.00
CA ARG A 109 5.84 10.40 -6.17
C ARG A 109 7.30 10.58 -6.64
N ASP A 110 7.70 11.84 -6.79
CA ASP A 110 9.10 12.18 -7.02
C ASP A 110 9.66 12.61 -5.67
N PRO A 111 10.57 11.80 -5.10
CA PRO A 111 11.08 12.07 -3.74
C PRO A 111 11.79 13.40 -3.63
N SER A 112 12.33 13.92 -4.73
CA SER A 112 13.04 15.19 -4.64
C SER A 112 12.07 16.36 -4.53
N SER A 113 10.79 16.11 -4.83
CA SER A 113 9.81 17.20 -4.77
C SER A 113 8.70 17.02 -3.75
N HIS A 114 8.44 15.78 -3.34
CA HIS A 114 7.43 15.51 -2.33
C HIS A 114 7.84 14.36 -1.43
N GLU A 115 7.63 14.54 -0.12
CA GLU A 115 7.82 13.47 0.85
C GLU A 115 6.53 12.66 0.92
N ALA A 116 6.65 11.40 1.32
CA ALA A 116 5.46 10.60 1.59
C ALA A 116 4.73 11.18 2.79
N ILE A 117 3.44 10.90 2.90
CA ILE A 117 2.62 11.40 4.00
C ILE A 117 2.08 10.23 4.81
N PRO A 118 1.69 10.48 6.08
CA PRO A 118 1.20 9.39 6.93
C PRO A 118 -0.03 8.72 6.33
N THR A 119 -0.11 7.41 6.50
CA THR A 119 -1.24 6.64 6.00
C THR A 119 -2.39 6.76 7.00
N ARG A 120 -3.54 7.23 6.51
CA ARG A 120 -4.75 7.36 7.30
C ARG A 120 -5.88 6.82 6.46
N PHE A 121 -6.97 6.40 7.10
CA PHE A 121 -8.12 5.85 6.37
C PHE A 121 -9.39 6.55 6.77
N ALA A 122 -10.44 6.35 5.98
CA ALA A 122 -11.74 6.86 6.36
C ALA A 122 -12.14 6.27 7.70
N PRO A 123 -12.69 7.09 8.60
CA PRO A 123 -13.21 6.52 9.85
C PRO A 123 -14.12 5.33 9.55
N GLY A 124 -13.91 4.25 10.28
CA GLY A 124 -14.72 3.06 10.10
C GLY A 124 -14.01 1.99 9.30
N THR A 125 -12.80 2.29 8.82
CA THR A 125 -12.05 1.32 8.05
C THR A 125 -11.47 0.28 8.99
N VAL A 126 -11.86 -0.98 8.80
CA VAL A 126 -11.32 -2.04 9.62
C VAL A 126 -10.00 -2.53 9.04
N LEU A 127 -8.94 -2.34 9.82
CA LEU A 127 -7.61 -2.79 9.41
C LEU A 127 -7.50 -4.28 9.65
N PRO A 128 -6.68 -4.97 8.83
CA PRO A 128 -6.47 -6.41 8.99
C PRO A 128 -5.77 -6.64 10.31
N GLN A 129 -6.17 -7.67 11.05
CA GLN A 129 -5.54 -7.95 12.31
C GLN A 129 -4.11 -8.42 12.11
N GLY A 130 -3.20 -7.99 12.98
CA GLY A 130 -1.83 -8.45 12.96
C GLY A 130 -0.92 -7.49 12.21
N PHE A 131 -1.47 -6.34 11.84
CA PHE A 131 -0.75 -5.36 11.06
C PHE A 131 -0.83 -4.02 11.74
N TYR A 132 0.22 -3.23 11.63
CA TYR A 132 0.15 -1.87 12.14
C TYR A 132 0.67 -0.87 11.12
N VAL A 133 0.06 0.31 11.15
CA VAL A 133 0.38 1.33 10.18
C VAL A 133 1.59 2.11 10.66
N GLU A 134 2.64 2.15 9.84
CA GLU A 134 3.83 2.93 10.22
C GLU A 134 3.46 4.39 10.35
N GLY A 135 4.04 5.05 11.36
CA GLY A 135 3.83 6.48 11.54
C GLY A 135 2.47 6.75 12.17
N SER A 136 1.93 5.70 12.80
CA SER A 136 0.72 5.76 13.64
C SER A 136 -0.52 5.20 12.95
#